data_6WLR
#
_entry.id   6WLR
#
_entity_poly.entity_id   1
_entity_poly.type   'polyribonucleotide'
_entity_poly.pdbx_seq_one_letter_code
;GGUCAUGAGUGCCAGCGUCAAGCCCCGGCUUGCUGGCCGGCAACCCUCCAACCGCGGUGGGGUGCCCCGGGUGAUGACCA
GGUUGAGUAGCCGUGACGGCUACGCGGCAAGCGCGGGUC
;
_entity_poly.pdbx_strand_id   A
#
loop_
_chem_comp.id
_chem_comp.type
_chem_comp.name
_chem_comp.formula
A RNA linking ADENOSINE-5'-MONOPHOSPHATE 'C10 H14 N5 O7 P'
C RNA linking CYTIDINE-5'-MONOPHOSPHATE 'C9 H14 N3 O8 P'
G RNA linking GUANOSINE-5'-MONOPHOSPHATE 'C10 H14 N5 O8 P'
U RNA linking URIDINE-5'-MONOPHOSPHATE 'C9 H13 N2 O9 P'
#